data_6V2M
#
_entry.id   6V2M
#
_cell.length_a   124.780
_cell.length_b   94.220
_cell.length_c   46.540
_cell.angle_alpha   90.000
_cell.angle_beta   94.790
_cell.angle_gamma   90.000
#
_symmetry.space_group_name_H-M   'C 1 2 1'
#
loop_
_entity.id
_entity.type
_entity.pdbx_description
1 polymer 'Phosphoenolpyruvate carboxykinase (ATP)'
2 non-polymer "ADENOSINE-5'-TRIPHOSPHATE"
3 non-polymer 'MAGNESIUM ION'
4 non-polymer 'CALCIUM ION'
5 water water
#
_entity_poly.entity_id   1
_entity_poly.type   'polypeptide(L)'
_entity_poly.pdbx_seq_one_letter_code
;MRVNNCLTPEELEAYGISDVHDIVYNPSYDLLYQEELDPSLTGYERGVLTNLGAVAVDTGIFTGRSPKDKYIVRDDTTRD
TFWWADKGKGKNDNKPLSPETWQHLKGLVTRQLSGKRLFVVDAFCGANPDTRLSVRFITEVAWQAHFVKNMFIRPSDEEL
AGFKPDFIVMNGAKCTNPQWKEQGLNSENFVAFNLTERMQLIGGTWYGGEMKKGMFSMMNYLLPLKGIASMHCSANVGEK
GDVAVFFGLSGTGKTTLSTDPKRRLIGDNEHGWDDDGVFNFEGGCYAKTIKLSKEAEPEIYNAIRRDALLENVTKREDGT
IDFDDGSKTENTRVSYPIYHIDNIVKPVSKAGHATKVIFLTADAFGVLPPVSRLTADQTQYHFLSGFTAKLAGTERGITE
PTPTFSACFGAAFLSLHPTQYAEVLVKRMQAAGAQAYLVNTGWNGTGKRISIKDTRAIIDAILNGSLDNAETFTLPMFNL
AIPTELPGVDTKILDPRNTYASPEQWQEKAETLAKLFIDNFDKYTDTPAGAALVAAGPKL
;
_entity_poly.pdbx_strand_id   A
#
loop_
_chem_comp.id
_chem_comp.type
_chem_comp.name
_chem_comp.formula
ATP non-polymer ADENOSINE-5'-TRIPHOSPHATE 'C10 H16 N5 O13 P3'
CA non-polymer 'CALCIUM ION' 'Ca 2'
MG non-polymer 'MAGNESIUM ION' 'Mg 2'
#
# COMPACT_ATOMS: atom_id res chain seq x y z
N GLU A 10 17.82 -15.61 25.54
CA GLU A 10 16.95 -16.08 26.62
C GLU A 10 15.51 -15.56 26.54
N GLU A 11 15.32 -14.27 26.30
CA GLU A 11 13.95 -13.74 26.19
C GLU A 11 13.20 -14.27 24.97
N LEU A 12 13.87 -14.92 24.04
CA LEU A 12 13.18 -15.44 22.88
C LEU A 12 12.42 -16.72 23.21
N GLU A 13 12.74 -17.38 24.32
CA GLU A 13 12.03 -18.59 24.69
C GLU A 13 10.60 -18.30 25.11
N ALA A 14 10.29 -17.05 25.48
CA ALA A 14 8.91 -16.69 25.79
C ALA A 14 8.01 -16.79 24.56
N TYR A 15 8.58 -16.65 23.34
CA TYR A 15 7.80 -16.79 22.11
C TYR A 15 7.77 -18.22 21.59
N GLY A 16 8.51 -19.15 22.21
CA GLY A 16 8.55 -20.53 21.76
C GLY A 16 9.82 -20.92 21.03
N ILE A 17 10.82 -20.02 20.96
CA ILE A 17 12.04 -20.26 20.19
C ILE A 17 13.14 -20.72 21.11
N SER A 18 13.89 -21.75 20.68
CA SER A 18 14.87 -22.46 21.52
C SER A 18 16.28 -22.41 20.97
N ASP A 19 17.25 -22.52 21.90
CA ASP A 19 18.63 -22.82 21.55
C ASP A 19 19.18 -21.79 20.57
N VAL A 20 18.84 -20.52 20.76
CA VAL A 20 19.44 -19.52 19.91
C VAL A 20 20.78 -19.13 20.50
N HIS A 21 21.85 -19.37 19.75
CA HIS A 21 23.17 -18.97 20.22
C HIS A 21 23.39 -17.48 19.99
N ASP A 22 23.17 -17.02 18.75
CA ASP A 22 23.44 -15.64 18.38
C ASP A 22 22.13 -14.90 18.11
N ILE A 23 21.99 -13.74 18.73
CA ILE A 23 20.95 -12.78 18.45
C ILE A 23 21.65 -11.56 17.90
N VAL A 24 21.21 -11.08 16.75
CA VAL A 24 21.65 -9.81 16.20
C VAL A 24 20.49 -8.86 16.43
N TYR A 25 20.63 -8.01 17.45
CA TYR A 25 19.55 -7.12 17.90
C TYR A 25 19.73 -5.73 17.31
N ASN A 26 18.65 -5.20 16.75
CA ASN A 26 18.58 -3.98 15.94
C ASN A 26 19.89 -3.72 15.24
N PRO A 27 20.19 -4.53 14.23
CA PRO A 27 21.42 -4.35 13.46
C PRO A 27 21.47 -2.99 12.80
N SER A 28 22.69 -2.41 12.79
CA SER A 28 22.93 -1.16 12.10
C SER A 28 22.91 -1.38 10.59
N TYR A 29 22.79 -0.27 9.85
CA TYR A 29 22.86 -0.35 8.39
C TYR A 29 24.21 -0.89 7.93
N ASP A 30 25.29 -0.52 8.63
CA ASP A 30 26.60 -1.03 8.21
C ASP A 30 26.69 -2.53 8.44
N LEU A 31 26.10 -3.03 9.52
CA LEU A 31 26.12 -4.47 9.72
C LEU A 31 25.27 -5.19 8.69
N LEU A 32 24.10 -4.65 8.36
CA LEU A 32 23.26 -5.36 7.37
C LEU A 32 23.94 -5.45 6.01
N TYR A 33 24.65 -4.40 5.63
CA TYR A 33 25.44 -4.41 4.40
C TYR A 33 26.45 -5.55 4.40
N GLN A 34 27.24 -5.65 5.47
CA GLN A 34 28.20 -6.75 5.62
C GLN A 34 27.51 -8.13 5.57
N GLU A 35 26.38 -8.26 6.25
CA GLU A 35 25.70 -9.55 6.27
C GLU A 35 25.14 -9.92 4.88
N GLU A 36 24.57 -8.96 4.15
CA GLU A 36 23.99 -9.30 2.85
C GLU A 36 25.03 -9.69 1.83
N LEU A 37 26.25 -9.15 1.95
CA LEU A 37 27.25 -9.38 0.93
C LEU A 37 28.26 -10.42 1.34
N ASP A 38 27.97 -11.17 2.41
CA ASP A 38 28.81 -12.31 2.80
C ASP A 38 28.93 -13.33 1.67
N PRO A 39 30.16 -13.63 1.19
CA PRO A 39 30.30 -14.59 0.07
C PRO A 39 29.92 -16.02 0.42
N SER A 40 29.54 -16.30 1.66
CA SER A 40 29.18 -17.68 1.98
C SER A 40 27.66 -17.90 1.99
N LEU A 41 26.87 -16.88 1.70
CA LEU A 41 25.44 -17.11 1.68
C LEU A 41 25.06 -17.93 0.47
N THR A 42 23.99 -18.69 0.59
CA THR A 42 23.48 -19.45 -0.55
C THR A 42 22.02 -19.12 -0.78
N GLY A 43 21.57 -19.41 -2.00
CA GLY A 43 20.14 -19.30 -2.27
C GLY A 43 19.64 -17.87 -2.21
N TYR A 44 18.41 -17.72 -1.74
CA TYR A 44 17.76 -16.41 -1.79
C TYR A 44 18.23 -15.46 -0.69
N GLU A 45 19.09 -15.90 0.24
CA GLU A 45 19.67 -14.96 1.21
C GLU A 45 20.68 -14.03 0.58
N ARG A 46 21.20 -14.42 -0.58
CA ARG A 46 22.34 -13.71 -1.17
C ARG A 46 21.92 -12.33 -1.65
N GLY A 47 22.75 -11.32 -1.36
CA GLY A 47 22.62 -10.04 -2.01
C GLY A 47 23.79 -9.78 -2.94
N VAL A 48 23.63 -8.80 -3.83
CA VAL A 48 24.70 -8.41 -4.74
C VAL A 48 24.73 -6.90 -4.81
N LEU A 49 25.94 -6.36 -4.97
CA LEU A 49 26.16 -4.92 -4.91
C LEU A 49 25.99 -4.35 -6.31
N THR A 50 25.17 -3.30 -6.44
CA THR A 50 24.97 -2.68 -7.74
C THR A 50 25.91 -1.49 -7.85
N ASN A 51 26.08 -1.01 -9.09
CA ASN A 51 26.90 0.18 -9.31
C ASN A 51 26.30 1.44 -8.66
N LEU A 52 24.99 1.49 -8.35
CA LEU A 52 24.45 2.62 -7.59
C LEU A 52 24.78 2.56 -6.09
N GLY A 53 25.39 1.48 -5.63
CA GLY A 53 25.76 1.33 -4.23
C GLY A 53 24.74 0.63 -3.38
N ALA A 54 23.58 0.33 -3.92
CA ALA A 54 22.51 -0.35 -3.21
C ALA A 54 22.65 -1.83 -3.42
N VAL A 55 22.34 -2.59 -2.42
CA VAL A 55 22.35 -4.04 -2.52
C VAL A 55 21.05 -4.50 -3.19
N ALA A 56 21.13 -5.57 -3.97
CA ALA A 56 19.92 -6.13 -4.60
C ALA A 56 19.75 -7.60 -4.27
N VAL A 57 18.51 -8.01 -4.11
CA VAL A 57 18.18 -9.37 -3.70
C VAL A 57 17.05 -9.91 -4.58
N ASP A 58 16.90 -11.21 -4.50
CA ASP A 58 15.86 -11.99 -5.18
C ASP A 58 14.94 -12.53 -4.10
N THR A 59 13.64 -12.24 -4.21
CA THR A 59 12.76 -12.66 -3.13
C THR A 59 12.22 -14.06 -3.33
N GLY A 60 12.68 -14.78 -4.34
CA GLY A 60 12.29 -16.15 -4.49
C GLY A 60 11.00 -16.34 -5.24
N ILE A 61 10.28 -17.40 -4.90
CA ILE A 61 9.11 -17.78 -5.68
C ILE A 61 8.04 -16.68 -5.61
N PHE A 62 7.90 -16.04 -4.46
CA PHE A 62 6.88 -14.99 -4.31
C PHE A 62 7.50 -13.62 -4.56
N THR A 63 6.95 -12.91 -5.55
CA THR A 63 7.45 -11.57 -5.82
C THR A 63 6.36 -10.52 -5.58
N GLY A 64 5.36 -10.87 -4.78
CA GLY A 64 4.33 -9.94 -4.32
C GLY A 64 3.52 -10.61 -3.23
N ARG A 65 2.51 -9.91 -2.73
CA ARG A 65 1.69 -10.46 -1.65
C ARG A 65 0.90 -11.70 -2.12
N SER A 66 0.46 -12.50 -1.15
CA SER A 66 -0.28 -13.72 -1.40
C SER A 66 -1.58 -13.66 -0.59
N PRO A 67 -2.57 -12.90 -1.07
CA PRO A 67 -3.82 -12.76 -0.29
C PRO A 67 -4.52 -14.09 -0.08
N LYS A 68 -4.36 -15.06 -0.98
CA LYS A 68 -5.04 -16.34 -0.78
C LYS A 68 -4.49 -17.13 0.39
N ASP A 69 -3.34 -16.74 0.92
CA ASP A 69 -2.73 -17.46 2.03
C ASP A 69 -2.86 -16.70 3.34
N LYS A 70 -3.70 -15.67 3.37
CA LYS A 70 -3.83 -14.83 4.56
C LYS A 70 -4.99 -15.30 5.44
N TYR A 71 -4.71 -15.57 6.75
CA TYR A 71 -5.67 -16.10 7.69
C TYR A 71 -5.62 -15.29 8.98
N ILE A 72 -6.79 -15.14 9.61
CA ILE A 72 -6.93 -14.45 10.91
C ILE A 72 -7.62 -15.40 11.88
N VAL A 73 -7.01 -15.64 13.05
CA VAL A 73 -7.64 -16.52 14.03
C VAL A 73 -8.98 -15.96 14.47
N ARG A 74 -10.01 -16.80 14.41
CA ARG A 74 -11.35 -16.40 14.83
C ARG A 74 -11.54 -16.92 16.26
N ASP A 75 -11.64 -16.00 17.21
CA ASP A 75 -11.79 -16.35 18.62
C ASP A 75 -12.69 -15.29 19.25
N ASP A 76 -12.80 -15.30 20.58
CA ASP A 76 -13.73 -14.34 21.17
C ASP A 76 -13.24 -12.91 21.04
N THR A 77 -11.95 -12.69 20.84
CA THR A 77 -11.47 -11.33 20.61
C THR A 77 -11.93 -10.78 19.26
N THR A 78 -11.84 -11.59 18.20
CA THR A 78 -12.11 -11.10 16.85
C THR A 78 -13.48 -11.45 16.28
N ARG A 79 -14.19 -12.40 16.89
CA ARG A 79 -15.39 -12.95 16.25
C ARG A 79 -16.37 -11.86 15.83
N ASP A 80 -16.69 -10.92 16.72
CA ASP A 80 -17.78 -10.01 16.46
C ASP A 80 -17.31 -8.64 15.98
N THR A 81 -16.00 -8.46 15.78
CA THR A 81 -15.45 -7.18 15.34
C THR A 81 -14.81 -7.22 13.95
N PHE A 82 -14.26 -8.35 13.52
CA PHE A 82 -13.58 -8.40 12.24
C PHE A 82 -14.59 -8.47 11.09
N TRP A 83 -14.14 -7.99 9.93
CA TRP A 83 -14.83 -8.16 8.66
C TRP A 83 -14.40 -9.50 8.05
N TRP A 84 -15.19 -10.55 8.23
CA TRP A 84 -14.78 -11.92 7.88
C TRP A 84 -15.10 -12.25 6.43
N ALA A 85 -14.22 -13.02 5.79
CA ALA A 85 -14.45 -13.39 4.40
C ALA A 85 -15.70 -14.25 4.24
N ASP A 86 -16.05 -15.01 5.26
CA ASP A 86 -17.18 -15.93 5.10
C ASP A 86 -18.48 -15.41 5.68
N LYS A 87 -18.55 -14.14 6.11
CA LYS A 87 -19.73 -13.69 6.83
C LYS A 87 -20.45 -12.54 6.16
N GLY A 88 -19.81 -11.40 5.98
CA GLY A 88 -20.60 -10.23 5.64
C GLY A 88 -21.16 -10.26 4.23
N LYS A 89 -21.47 -9.09 3.72
CA LYS A 89 -21.48 -8.98 2.28
C LYS A 89 -20.07 -8.58 1.86
N GLY A 90 -19.68 -9.05 0.69
CA GLY A 90 -18.53 -8.48 0.06
C GLY A 90 -17.30 -9.31 0.24
N LYS A 91 -16.56 -9.46 -0.86
CA LYS A 91 -15.36 -10.25 -0.91
C LYS A 91 -14.22 -9.59 -0.12
N ASN A 92 -13.44 -10.40 0.56
CA ASN A 92 -12.24 -9.91 1.24
C ASN A 92 -11.40 -11.14 1.56
N ASP A 93 -10.17 -10.89 1.95
CA ASP A 93 -9.23 -11.97 2.20
C ASP A 93 -9.12 -12.35 3.66
N ASN A 94 -10.03 -11.89 4.53
CA ASN A 94 -9.87 -12.17 5.95
C ASN A 94 -10.46 -13.54 6.24
N LYS A 95 -9.69 -14.62 5.90
CA LYS A 95 -10.18 -15.96 6.08
C LYS A 95 -10.02 -16.40 7.52
N PRO A 96 -11.05 -16.99 8.13
CA PRO A 96 -10.96 -17.41 9.55
C PRO A 96 -10.06 -18.63 9.75
N LEU A 97 -9.36 -18.67 10.89
CA LEU A 97 -8.44 -19.75 11.20
C LEU A 97 -8.78 -20.27 12.59
N SER A 98 -8.73 -21.57 12.79
CA SER A 98 -8.97 -22.07 14.14
C SER A 98 -7.77 -21.83 15.05
N PRO A 99 -8.01 -21.66 16.36
CA PRO A 99 -6.90 -21.61 17.32
C PRO A 99 -6.03 -22.84 17.25
N GLU A 100 -6.61 -24.01 16.97
CA GLU A 100 -5.83 -25.24 16.89
C GLU A 100 -4.83 -25.20 15.74
N THR A 101 -5.29 -24.77 14.56
CA THR A 101 -4.35 -24.70 13.45
C THR A 101 -3.27 -23.63 13.69
N TRP A 102 -3.65 -22.52 14.30
CA TRP A 102 -2.65 -21.51 14.69
C TRP A 102 -1.50 -22.14 15.50
N GLN A 103 -1.80 -23.02 16.46
CA GLN A 103 -0.74 -23.60 17.29
C GLN A 103 0.15 -24.50 16.47
N HIS A 104 -0.42 -25.19 15.49
CA HIS A 104 0.39 -25.95 14.55
C HIS A 104 1.34 -25.04 13.75
N LEU A 105 0.81 -23.92 13.21
CA LEU A 105 1.66 -23.00 12.44
C LEU A 105 2.72 -22.35 13.31
N LYS A 106 2.39 -22.07 14.55
CA LYS A 106 3.36 -21.43 15.43
C LYS A 106 4.50 -22.39 15.73
N GLY A 107 4.19 -23.68 15.91
CA GLY A 107 5.26 -24.65 16.12
C GLY A 107 6.14 -24.81 14.89
N LEU A 108 5.55 -24.68 13.69
CA LEU A 108 6.36 -24.74 12.49
C LEU A 108 7.40 -23.62 12.46
N VAL A 109 6.92 -22.39 12.68
CA VAL A 109 7.80 -21.24 12.59
C VAL A 109 8.83 -21.25 13.74
N THR A 110 8.39 -21.50 14.97
CA THR A 110 9.34 -21.42 16.09
C THR A 110 10.40 -22.51 15.99
N ARG A 111 10.06 -23.72 15.53
CA ARG A 111 11.11 -24.72 15.29
C ARG A 111 12.07 -24.32 14.17
N GLN A 112 11.56 -23.69 13.10
CA GLN A 112 12.45 -23.21 12.04
C GLN A 112 13.46 -22.20 12.58
N LEU A 113 13.02 -21.30 13.47
CA LEU A 113 13.85 -20.23 14.01
C LEU A 113 14.79 -20.73 15.11
N SER A 114 14.57 -21.93 15.62
CA SER A 114 15.39 -22.40 16.74
C SER A 114 16.75 -22.90 16.29
N GLY A 115 17.78 -22.69 17.14
CA GLY A 115 19.11 -23.10 16.74
C GLY A 115 19.69 -22.27 15.64
N LYS A 116 19.05 -21.16 15.28
CA LYS A 116 19.55 -20.30 14.20
C LYS A 116 20.19 -19.06 14.76
N ARG A 117 20.99 -18.42 13.95
CA ARG A 117 21.29 -17.03 14.24
C ARG A 117 20.12 -16.17 13.77
N LEU A 118 19.61 -15.34 14.65
CA LEU A 118 18.38 -14.61 14.38
C LEU A 118 18.63 -13.12 14.44
N PHE A 119 17.94 -12.39 13.55
CA PHE A 119 17.93 -10.93 13.55
C PHE A 119 16.65 -10.53 14.26
N VAL A 120 16.75 -9.58 15.17
CA VAL A 120 15.57 -9.10 15.86
C VAL A 120 15.56 -7.59 15.71
N VAL A 121 14.45 -7.06 15.17
CA VAL A 121 14.34 -5.63 14.94
C VAL A 121 13.14 -5.16 15.73
N ASP A 122 13.39 -4.23 16.62
CA ASP A 122 12.35 -3.49 17.33
C ASP A 122 12.05 -2.20 16.60
N ALA A 123 10.77 -1.88 16.43
CA ALA A 123 10.40 -0.73 15.65
C ALA A 123 9.00 -0.28 16.03
N PHE A 124 8.63 0.89 15.54
CA PHE A 124 7.28 1.41 15.76
C PHE A 124 6.49 1.41 14.45
N CYS A 125 5.20 1.17 14.57
CA CYS A 125 4.24 1.43 13.49
C CYS A 125 3.35 2.56 14.01
N GLY A 126 3.48 3.74 13.41
CA GLY A 126 2.71 4.88 13.87
C GLY A 126 3.59 6.00 14.43
N ALA A 127 3.47 7.20 13.87
CA ALA A 127 4.35 8.31 14.22
C ALA A 127 4.08 8.91 15.61
N ASN A 128 2.86 8.69 16.20
CA ASN A 128 2.43 9.33 17.43
C ASN A 128 2.55 8.37 18.61
N PRO A 129 3.22 8.76 19.69
CA PRO A 129 3.37 7.84 20.83
C PRO A 129 2.05 7.33 21.40
N ASP A 130 0.98 8.13 21.40
CA ASP A 130 -0.27 7.69 22.00
C ASP A 130 -0.96 6.54 21.24
N THR A 131 -0.73 6.36 19.95
CA THR A 131 -1.42 5.30 19.20
C THR A 131 -0.49 4.31 18.50
N ARG A 132 0.82 4.49 18.59
CA ARG A 132 1.73 3.62 17.83
C ARG A 132 1.81 2.22 18.43
N LEU A 133 2.11 1.25 17.57
CA LEU A 133 2.36 -0.11 18.00
C LEU A 133 3.87 -0.29 18.10
N SER A 134 4.32 -0.87 19.21
CA SER A 134 5.67 -1.34 19.36
C SER A 134 5.73 -2.76 18.79
N VAL A 135 6.55 -2.96 17.78
CA VAL A 135 6.61 -4.23 17.05
C VAL A 135 8.01 -4.81 17.12
N ARG A 136 8.08 -6.12 17.39
CA ARG A 136 9.34 -6.86 17.38
C ARG A 136 9.31 -7.87 16.24
N PHE A 137 10.19 -7.70 15.26
CA PHE A 137 10.30 -8.61 14.09
C PHE A 137 11.45 -9.58 14.32
N ILE A 138 11.22 -10.84 14.03
CA ILE A 138 12.23 -11.89 14.17
C ILE A 138 12.40 -12.60 12.83
N THR A 139 13.63 -12.68 12.35
CA THR A 139 13.90 -13.34 11.05
C THR A 139 15.25 -14.03 11.12
N GLU A 140 15.48 -14.99 10.22
CA GLU A 140 16.85 -15.50 10.05
C GLU A 140 17.51 -14.99 8.78
N VAL A 141 16.86 -14.08 8.04
CA VAL A 141 17.41 -13.56 6.80
C VAL A 141 17.77 -12.09 6.97
N ALA A 142 19.06 -11.74 6.72
CA ALA A 142 19.50 -10.37 6.96
C ALA A 142 18.76 -9.38 6.08
N TRP A 143 18.54 -9.69 4.81
CA TRP A 143 17.88 -8.63 4.03
C TRP A 143 16.41 -8.44 4.45
N GLN A 144 15.79 -9.45 5.06
CA GLN A 144 14.45 -9.22 5.60
C GLN A 144 14.52 -8.29 6.78
N ALA A 145 15.55 -8.43 7.64
CA ALA A 145 15.70 -7.47 8.73
C ALA A 145 15.95 -6.08 8.17
N HIS A 146 16.70 -6.02 7.07
CA HIS A 146 16.96 -4.75 6.41
C HIS A 146 15.67 -4.12 5.88
N PHE A 147 14.80 -4.93 5.26
CA PHE A 147 13.49 -4.42 4.84
C PHE A 147 12.71 -3.79 5.99
N VAL A 148 12.57 -4.50 7.14
CA VAL A 148 11.81 -3.90 8.23
C VAL A 148 12.50 -2.69 8.82
N LYS A 149 13.85 -2.65 8.85
CA LYS A 149 14.54 -1.45 9.32
C LYS A 149 14.20 -0.23 8.43
N ASN A 150 14.13 -0.42 7.11
CA ASN A 150 13.78 0.68 6.22
C ASN A 150 12.33 1.09 6.42
N MET A 151 11.43 0.12 6.53
CA MET A 151 10.03 0.44 6.35
C MET A 151 9.31 0.89 7.60
N PHE A 152 9.77 0.51 8.80
CA PHE A 152 9.11 0.92 10.03
C PHE A 152 9.88 2.05 10.68
N ILE A 153 9.31 2.65 11.73
CA ILE A 153 9.94 3.80 12.38
C ILE A 153 11.07 3.29 13.28
N ARG A 154 12.27 3.81 13.09
CA ARG A 154 13.45 3.32 13.80
C ARG A 154 13.53 3.99 15.17
N PRO A 155 13.51 3.23 16.28
CA PRO A 155 13.52 3.87 17.60
C PRO A 155 14.88 4.47 17.97
N SER A 156 14.86 5.51 18.77
CA SER A 156 16.10 6.05 19.32
C SER A 156 16.65 5.10 20.37
N ASP A 157 17.93 5.29 20.69
CA ASP A 157 18.55 4.54 21.78
C ASP A 157 17.69 4.54 23.03
N GLU A 158 17.18 5.70 23.41
CA GLU A 158 16.40 5.72 24.64
C GLU A 158 15.09 4.97 24.49
N GLU A 159 14.50 4.98 23.29
CA GLU A 159 13.24 4.25 23.11
C GLU A 159 13.48 2.74 23.17
N LEU A 160 14.66 2.27 22.74
CA LEU A 160 14.94 0.85 22.86
C LEU A 160 15.13 0.39 24.30
N ALA A 161 15.50 1.31 25.21
CA ALA A 161 15.79 0.92 26.59
C ALA A 161 14.60 0.27 27.25
N GLY A 162 13.47 0.96 27.29
CA GLY A 162 12.31 0.31 27.81
C GLY A 162 11.33 -0.15 26.73
N PHE A 163 11.81 -0.82 25.70
CA PHE A 163 10.91 -1.25 24.63
C PHE A 163 10.06 -2.42 25.10
N LYS A 164 8.77 -2.29 24.97
CA LYS A 164 7.87 -3.37 25.32
C LYS A 164 7.01 -3.73 24.12
N PRO A 165 7.26 -4.85 23.42
CA PRO A 165 6.46 -5.13 22.21
C PRO A 165 4.98 -5.27 22.50
N ASP A 166 4.16 -4.68 21.62
CA ASP A 166 2.72 -4.84 21.56
C ASP A 166 2.33 -5.91 20.56
N PHE A 167 3.23 -6.25 19.64
CA PHE A 167 2.99 -7.19 18.57
C PHE A 167 4.30 -7.86 18.18
N ILE A 168 4.23 -9.16 17.83
CA ILE A 168 5.41 -9.93 17.45
C ILE A 168 5.18 -10.47 16.06
N VAL A 169 6.16 -10.29 15.18
CA VAL A 169 6.12 -10.79 13.81
C VAL A 169 7.24 -11.80 13.67
N MET A 170 6.90 -13.07 13.43
CA MET A 170 7.90 -14.13 13.30
C MET A 170 7.89 -14.60 11.87
N ASN A 171 9.03 -14.44 11.20
CA ASN A 171 9.11 -14.68 9.79
C ASN A 171 9.83 -16.00 9.61
N GLY A 172 9.07 -17.03 9.29
CA GLY A 172 9.59 -18.36 9.03
C GLY A 172 9.54 -18.69 7.54
N ALA A 173 10.15 -17.82 6.72
CA ALA A 173 10.07 -17.92 5.25
C ALA A 173 10.57 -19.27 4.75
N LYS A 174 11.63 -19.79 5.37
CA LYS A 174 12.17 -21.09 4.93
C LYS A 174 11.34 -22.30 5.35
N CYS A 175 10.31 -22.16 6.17
CA CYS A 175 9.54 -23.34 6.52
C CYS A 175 8.26 -23.39 5.67
N THR A 176 7.62 -24.55 5.62
CA THR A 176 6.32 -24.66 4.96
C THR A 176 5.47 -25.60 5.78
N ASN A 177 4.19 -25.67 5.43
CA ASN A 177 3.22 -26.40 6.23
C ASN A 177 2.78 -27.65 5.50
N PRO A 178 3.33 -28.81 5.84
CA PRO A 178 2.97 -30.03 5.08
C PRO A 178 1.58 -30.55 5.40
N GLN A 179 0.92 -30.05 6.45
CA GLN A 179 -0.42 -30.52 6.79
C GLN A 179 -1.53 -29.66 6.20
N TRP A 180 -1.24 -28.81 5.22
CA TRP A 180 -2.21 -27.80 4.83
C TRP A 180 -3.52 -28.40 4.30
N LYS A 181 -3.46 -29.53 3.59
CA LYS A 181 -4.69 -30.06 3.01
C LYS A 181 -5.60 -30.56 4.11
N GLU A 182 -5.03 -31.20 5.11
CA GLU A 182 -5.84 -31.66 6.22
C GLU A 182 -6.44 -30.50 7.02
N GLN A 183 -5.97 -29.27 6.81
CA GLN A 183 -6.40 -28.12 7.60
C GLN A 183 -7.28 -27.16 6.83
N GLY A 184 -7.62 -27.46 5.59
CA GLY A 184 -8.52 -26.58 4.86
C GLY A 184 -7.90 -25.28 4.39
N LEU A 185 -6.59 -25.22 4.27
CA LEU A 185 -5.87 -24.01 3.86
C LEU A 185 -5.60 -24.01 2.36
N ASN A 186 -5.17 -22.87 1.83
CA ASN A 186 -5.03 -22.71 0.38
C ASN A 186 -3.80 -23.43 -0.18
N SER A 187 -2.72 -23.49 0.61
CA SER A 187 -1.43 -24.00 0.13
C SER A 187 -0.51 -24.30 1.33
N GLU A 188 0.70 -24.75 1.05
CA GLU A 188 1.71 -24.98 2.09
C GLU A 188 2.27 -23.69 2.69
N ASN A 189 1.96 -22.52 2.14
CA ASN A 189 2.43 -21.25 2.64
C ASN A 189 1.37 -20.64 3.55
N PHE A 190 1.75 -19.62 4.34
CA PHE A 190 0.74 -19.02 5.20
C PHE A 190 1.19 -17.64 5.68
N VAL A 191 0.22 -16.73 5.82
CA VAL A 191 0.43 -15.43 6.45
C VAL A 191 -0.69 -15.33 7.47
N ALA A 192 -0.38 -15.54 8.76
CA ALA A 192 -1.46 -15.73 9.72
C ALA A 192 -1.39 -14.75 10.88
N PHE A 193 -2.54 -14.33 11.38
CA PHE A 193 -2.60 -13.33 12.44
C PHE A 193 -3.42 -13.83 13.60
N ASN A 194 -2.93 -13.55 14.82
CA ASN A 194 -3.68 -13.92 16.02
C ASN A 194 -3.74 -12.71 16.93
N LEU A 195 -4.92 -12.13 17.08
CA LEU A 195 -5.08 -10.91 17.84
C LEU A 195 -5.20 -11.17 19.33
N THR A 196 -5.36 -12.42 19.73
CA THR A 196 -5.31 -12.73 21.16
C THR A 196 -3.87 -12.81 21.64
N GLU A 197 -3.00 -13.41 20.85
CA GLU A 197 -1.60 -13.49 21.16
C GLU A 197 -0.82 -12.29 20.64
N ARG A 198 -1.43 -11.44 19.79
CA ARG A 198 -0.80 -10.28 19.15
C ARG A 198 0.46 -10.68 18.40
N MET A 199 0.26 -11.60 17.44
CA MET A 199 1.36 -12.16 16.67
C MET A 199 0.97 -12.31 15.22
N GLN A 200 1.96 -12.18 14.36
CA GLN A 200 1.87 -12.53 12.94
C GLN A 200 2.88 -13.62 12.63
N LEU A 201 2.48 -14.66 11.89
CA LEU A 201 3.40 -15.71 11.45
C LEU A 201 3.48 -15.74 9.94
N ILE A 202 4.68 -15.94 9.39
CA ILE A 202 4.85 -16.03 7.93
C ILE A 202 5.59 -17.32 7.65
N GLY A 203 5.07 -18.11 6.75
CA GLY A 203 5.75 -19.32 6.32
C GLY A 203 5.71 -19.43 4.82
N GLY A 204 6.82 -19.84 4.26
CA GLY A 204 6.90 -20.17 2.84
C GLY A 204 7.22 -19.04 1.89
N THR A 205 6.73 -17.84 2.13
CA THR A 205 7.01 -16.74 1.22
C THR A 205 8.11 -15.86 1.82
N TRP A 206 9.07 -15.47 0.99
CA TRP A 206 10.14 -14.58 1.46
C TRP A 206 9.83 -13.10 1.22
N TYR A 207 8.70 -12.80 0.60
CA TYR A 207 8.40 -11.44 0.18
C TYR A 207 8.17 -10.53 1.37
N GLY A 208 8.94 -9.45 1.43
CA GLY A 208 8.94 -8.62 2.62
C GLY A 208 7.64 -7.87 2.85
N GLY A 209 6.90 -7.58 1.78
CA GLY A 209 5.66 -6.83 1.89
C GLY A 209 4.64 -7.47 2.78
N GLU A 210 4.74 -8.79 3.02
CA GLU A 210 3.82 -9.45 3.93
C GLU A 210 3.90 -8.85 5.33
N MET A 211 5.12 -8.47 5.79
CA MET A 211 5.20 -7.91 7.14
C MET A 211 4.70 -6.48 7.18
N LYS A 212 5.01 -5.70 6.15
CA LYS A 212 4.53 -4.32 6.05
C LYS A 212 3.02 -4.26 6.01
N LYS A 213 2.40 -4.97 5.06
CA LYS A 213 0.97 -4.91 4.97
C LYS A 213 0.31 -5.63 6.11
N GLY A 214 0.98 -6.59 6.75
CA GLY A 214 0.40 -7.21 7.95
C GLY A 214 0.20 -6.23 9.09
N MET A 215 1.23 -5.43 9.37
CA MET A 215 1.09 -4.44 10.41
C MET A 215 0.08 -3.35 10.01
N PHE A 216 0.04 -2.97 8.74
CA PHE A 216 -1.01 -2.04 8.30
C PHE A 216 -2.41 -2.59 8.59
N SER A 217 -2.64 -3.86 8.32
CA SER A 217 -3.92 -4.47 8.69
C SER A 217 -4.22 -4.40 10.17
N MET A 218 -3.20 -4.50 11.02
CA MET A 218 -3.44 -4.37 12.45
C MET A 218 -3.82 -2.95 12.83
N MET A 219 -3.17 -1.94 12.21
CA MET A 219 -3.55 -0.56 12.49
C MET A 219 -4.94 -0.26 11.94
N ASN A 220 -5.29 -0.88 10.80
CA ASN A 220 -6.66 -0.76 10.27
C ASN A 220 -7.69 -1.36 11.19
N TYR A 221 -7.27 -2.29 12.04
CA TYR A 221 -8.19 -2.84 13.02
C TYR A 221 -8.33 -1.94 14.27
N LEU A 222 -7.20 -1.52 14.86
CA LEU A 222 -7.24 -0.78 16.13
C LEU A 222 -7.65 0.67 15.99
N LEU A 223 -7.26 1.35 14.91
CA LEU A 223 -7.42 2.79 14.96
C LEU A 223 -8.84 3.27 14.73
N PRO A 224 -9.52 2.81 13.66
CA PRO A 224 -10.84 3.37 13.37
C PRO A 224 -11.76 3.08 14.50
N LEU A 225 -11.52 1.97 15.15
CA LEU A 225 -12.26 1.75 16.30
C LEU A 225 -12.08 2.93 17.22
N LYS A 226 -10.89 3.49 17.41
CA LYS A 226 -10.71 4.66 18.24
C LYS A 226 -11.08 6.00 17.61
N GLY A 227 -11.90 6.09 16.55
CA GLY A 227 -12.14 7.45 15.97
C GLY A 227 -11.05 8.03 15.06
N ILE A 228 -10.00 7.26 14.80
CA ILE A 228 -8.86 7.68 14.00
C ILE A 228 -8.98 7.02 12.61
N ALA A 229 -8.91 7.82 11.56
CA ALA A 229 -8.94 7.22 10.23
C ALA A 229 -7.63 6.52 9.96
N SER A 230 -7.69 5.42 9.22
CA SER A 230 -6.49 4.66 8.91
C SER A 230 -6.60 4.42 7.40
N MET A 231 -5.64 4.95 6.64
CA MET A 231 -5.80 5.28 5.22
C MET A 231 -4.67 4.68 4.37
N HIS A 232 -5.05 4.07 3.25
CA HIS A 232 -4.09 3.56 2.27
C HIS A 232 -3.78 4.68 1.29
N CYS A 233 -2.81 5.54 1.63
CA CYS A 233 -2.61 6.77 0.89
C CYS A 233 -1.20 7.28 1.12
N SER A 234 -0.75 8.12 0.22
CA SER A 234 0.45 8.89 0.47
C SER A 234 0.01 10.29 0.90
N ALA A 235 0.96 11.10 1.36
CA ALA A 235 0.57 12.40 1.88
C ALA A 235 1.77 13.35 1.80
N ASN A 236 1.49 14.64 1.60
CA ASN A 236 2.55 15.64 1.63
C ASN A 236 1.95 16.99 1.99
N VAL A 237 2.83 17.96 2.17
CA VAL A 237 2.41 19.27 2.67
C VAL A 237 3.22 20.37 1.99
N GLY A 238 2.52 21.47 1.59
CA GLY A 238 3.18 22.53 0.86
C GLY A 238 3.81 23.54 1.81
N GLU A 239 4.50 24.52 1.24
CA GLU A 239 5.16 25.51 2.08
C GLU A 239 4.17 26.30 2.91
N LYS A 240 2.95 26.48 2.42
CA LYS A 240 1.94 27.18 3.19
C LYS A 240 1.19 26.27 4.19
N GLY A 241 1.67 25.06 4.44
CA GLY A 241 1.04 24.22 5.45
C GLY A 241 -0.19 23.43 5.00
N ASP A 242 -0.53 23.44 3.71
CA ASP A 242 -1.68 22.70 3.19
C ASP A 242 -1.34 21.23 2.96
N VAL A 243 -2.08 20.34 3.59
CA VAL A 243 -1.83 18.91 3.51
C VAL A 243 -2.70 18.28 2.43
N ALA A 244 -2.12 17.39 1.62
CA ALA A 244 -2.89 16.61 0.67
C ALA A 244 -2.69 15.13 0.95
N VAL A 245 -3.75 14.33 0.78
CA VAL A 245 -3.59 12.87 0.80
C VAL A 245 -3.97 12.25 -0.55
N PHE A 246 -3.29 11.19 -0.94
CA PHE A 246 -3.52 10.54 -2.24
C PHE A 246 -3.84 9.05 -2.05
N PHE A 247 -5.11 8.67 -2.14
CA PHE A 247 -5.52 7.27 -2.05
C PHE A 247 -5.30 6.57 -3.37
N GLY A 248 -5.12 5.26 -3.31
CA GLY A 248 -5.09 4.52 -4.56
C GLY A 248 -4.70 3.06 -4.44
N LEU A 249 -5.12 2.28 -5.41
CA LEU A 249 -4.74 0.88 -5.46
C LEU A 249 -3.33 0.72 -6.03
N SER A 250 -2.88 -0.53 -6.20
CA SER A 250 -1.45 -0.74 -6.46
C SER A 250 -1.09 -0.18 -7.83
N GLY A 251 0.07 0.49 -7.89
CA GLY A 251 0.56 1.05 -9.15
C GLY A 251 -0.19 2.25 -9.68
N THR A 252 -1.05 2.88 -8.87
CA THR A 252 -1.75 4.05 -9.37
C THR A 252 -0.94 5.33 -9.26
N GLY A 253 0.13 5.34 -8.42
CA GLY A 253 0.96 6.52 -8.34
C GLY A 253 1.11 7.17 -6.97
N LYS A 254 0.79 6.50 -5.88
CA LYS A 254 0.91 7.14 -4.56
C LYS A 254 2.34 7.61 -4.28
N THR A 255 3.31 6.72 -4.45
CA THR A 255 4.71 7.10 -4.21
C THR A 255 5.17 8.07 -5.27
N THR A 256 4.88 7.74 -6.51
CA THR A 256 5.33 8.55 -7.63
C THR A 256 4.93 10.00 -7.51
N LEU A 257 3.64 10.28 -7.22
CA LEU A 257 3.09 11.62 -7.28
C LEU A 257 3.19 12.36 -5.96
N SER A 258 3.36 11.66 -4.84
CA SER A 258 3.58 12.40 -3.60
C SER A 258 5.03 12.86 -3.46
N THR A 259 5.97 12.24 -4.19
CA THR A 259 7.38 12.57 -4.05
C THR A 259 7.62 13.69 -5.07
N ASP A 260 7.36 14.91 -4.62
CA ASP A 260 7.50 16.16 -5.36
C ASP A 260 8.53 17.04 -4.64
N PRO A 261 9.59 17.51 -5.30
CA PRO A 261 10.58 18.32 -4.57
C PRO A 261 10.04 19.65 -4.06
N LYS A 262 8.95 20.17 -4.64
CA LYS A 262 8.34 21.40 -4.15
C LYS A 262 7.56 21.22 -2.83
N ARG A 263 7.14 19.99 -2.49
CA ARG A 263 6.38 19.77 -1.27
C ARG A 263 7.13 18.85 -0.33
N ARG A 264 6.88 18.98 0.96
CA ARG A 264 7.53 18.10 1.93
C ARG A 264 6.74 16.80 2.04
N LEU A 265 7.42 15.67 1.79
CA LEU A 265 6.81 14.36 1.90
C LEU A 265 6.52 14.01 3.35
N ILE A 266 5.27 13.59 3.61
CA ILE A 266 4.92 13.00 4.90
C ILE A 266 5.13 11.49 4.86
N GLY A 267 4.62 10.81 3.84
CA GLY A 267 4.82 9.38 3.69
C GLY A 267 4.24 8.95 2.37
N ASP A 268 4.53 7.72 1.97
CA ASP A 268 4.09 7.28 0.64
C ASP A 268 3.06 6.16 0.64
N ASN A 269 2.65 5.63 1.80
CA ASN A 269 1.70 4.51 1.67
C ASN A 269 0.62 4.32 2.75
N GLU A 270 0.89 4.69 4.02
CA GLU A 270 -0.02 4.34 5.10
C GLU A 270 -0.05 5.49 6.11
N HIS A 271 -1.24 6.06 6.32
CA HIS A 271 -1.36 7.22 7.21
C HIS A 271 -2.59 7.08 8.09
N GLY A 272 -2.56 7.72 9.26
CA GLY A 272 -3.73 7.86 10.08
C GLY A 272 -4.13 9.33 10.12
N TRP A 273 -5.38 9.59 10.57
CA TRP A 273 -5.85 10.96 10.67
C TRP A 273 -6.56 11.10 12.01
N ASP A 274 -5.93 11.78 12.95
CA ASP A 274 -6.50 11.91 14.28
C ASP A 274 -6.88 13.36 14.55
N ASP A 275 -7.15 13.67 15.82
CA ASP A 275 -7.57 15.04 16.17
C ASP A 275 -6.55 16.09 15.79
N ASP A 276 -5.26 15.73 15.76
CA ASP A 276 -4.26 16.75 15.41
C ASP A 276 -3.87 16.77 13.94
N GLY A 277 -4.18 15.72 13.17
CA GLY A 277 -3.90 15.80 11.75
C GLY A 277 -3.46 14.46 11.20
N VAL A 278 -2.74 14.51 10.07
CA VAL A 278 -2.34 13.32 9.34
C VAL A 278 -0.94 12.88 9.80
N PHE A 279 -0.76 11.60 10.01
CA PHE A 279 0.55 11.10 10.41
C PHE A 279 0.89 9.79 9.70
N ASN A 280 2.16 9.63 9.37
CA ASN A 280 2.66 8.42 8.71
C ASN A 280 2.77 7.26 9.71
N PHE A 281 2.48 6.05 9.25
CA PHE A 281 2.76 4.87 10.06
C PHE A 281 4.19 4.36 9.90
N GLU A 282 4.88 4.75 8.84
CA GLU A 282 6.06 4.08 8.31
C GLU A 282 7.30 4.95 8.48
N GLY A 283 8.47 4.33 8.26
CA GLY A 283 9.73 5.07 8.31
C GLY A 283 10.44 5.05 6.98
N GLY A 284 9.76 4.60 5.93
CA GLY A 284 10.45 4.43 4.67
C GLY A 284 9.45 4.30 3.54
N CYS A 285 9.97 4.10 2.33
CA CYS A 285 9.20 4.17 1.10
C CYS A 285 9.46 2.94 0.29
N TYR A 286 8.46 2.55 -0.51
CA TYR A 286 8.57 1.28 -1.24
C TYR A 286 8.07 1.55 -2.66
N ALA A 287 8.99 1.78 -3.58
CA ALA A 287 8.63 2.33 -4.89
C ALA A 287 8.76 1.26 -5.97
N LYS A 288 7.82 1.26 -6.90
CA LYS A 288 7.93 0.40 -8.07
C LYS A 288 9.02 0.90 -8.99
N THR A 289 9.87 0.00 -9.48
CA THR A 289 11.01 0.41 -10.30
C THR A 289 10.92 -0.11 -11.74
N ILE A 290 9.83 -0.80 -12.13
CA ILE A 290 9.78 -1.30 -13.50
C ILE A 290 9.79 -0.10 -14.44
N LYS A 291 10.70 -0.14 -15.44
CA LYS A 291 10.85 0.93 -16.43
C LYS A 291 11.21 2.27 -15.81
N LEU A 292 11.77 2.26 -14.59
CA LEU A 292 12.13 3.49 -13.88
C LEU A 292 12.90 4.44 -14.81
N SER A 293 12.49 5.70 -14.80
CA SER A 293 13.16 6.74 -15.58
C SER A 293 13.67 7.82 -14.63
N LYS A 294 14.99 8.01 -14.61
CA LYS A 294 15.56 9.06 -13.77
C LYS A 294 15.16 10.48 -14.21
N GLU A 295 14.74 10.70 -15.46
CA GLU A 295 14.24 12.02 -15.82
C GLU A 295 12.81 12.22 -15.34
N ALA A 296 12.01 11.17 -15.34
CA ALA A 296 10.64 11.33 -14.84
C ALA A 296 10.57 11.21 -13.33
N GLU A 297 11.46 10.44 -12.68
CA GLU A 297 11.41 10.29 -11.22
C GLU A 297 12.79 10.53 -10.58
N PRO A 298 13.30 11.76 -10.61
CA PRO A 298 14.68 11.99 -10.14
C PRO A 298 14.86 11.78 -8.63
N GLU A 299 13.88 12.17 -7.82
CA GLU A 299 14.01 11.99 -6.38
C GLU A 299 14.02 10.51 -6.02
N ILE A 300 13.15 9.71 -6.65
CA ILE A 300 13.13 8.29 -6.36
C ILE A 300 14.41 7.65 -6.85
N TYR A 301 14.85 8.00 -8.05
CA TYR A 301 16.09 7.38 -8.54
C TYR A 301 17.28 7.72 -7.63
N ASN A 302 17.34 8.94 -7.14
CA ASN A 302 18.48 9.35 -6.32
C ASN A 302 18.46 8.72 -4.94
N ALA A 303 17.28 8.23 -4.49
CA ALA A 303 17.20 7.46 -3.24
C ALA A 303 17.84 6.09 -3.36
N ILE A 304 18.14 5.63 -4.58
CA ILE A 304 18.71 4.30 -4.74
C ILE A 304 20.22 4.40 -4.53
N ARG A 305 20.66 4.11 -3.33
CA ARG A 305 22.09 4.17 -2.99
C ARG A 305 22.28 3.31 -1.75
N ARG A 306 23.50 3.26 -1.23
CA ARG A 306 23.72 2.40 -0.07
C ARG A 306 22.68 2.62 1.03
N ASP A 307 22.14 1.51 1.55
CA ASP A 307 21.06 1.33 2.53
C ASP A 307 19.66 1.25 1.88
N ALA A 308 19.51 1.60 0.60
CA ALA A 308 18.33 1.14 -0.15
C ALA A 308 18.47 -0.37 -0.41
N LEU A 309 17.33 -1.03 -0.66
CA LEU A 309 17.28 -2.48 -0.88
C LEU A 309 16.47 -2.70 -2.14
N LEU A 310 17.13 -3.13 -3.21
CA LEU A 310 16.47 -3.43 -4.47
C LEU A 310 15.95 -4.86 -4.42
N GLU A 311 14.70 -5.09 -4.89
CA GLU A 311 14.14 -6.45 -4.93
C GLU A 311 13.80 -6.83 -6.36
N ASN A 312 14.33 -7.97 -6.80
CA ASN A 312 13.99 -8.68 -8.02
C ASN A 312 14.40 -7.92 -9.29
N VAL A 313 15.15 -6.82 -9.20
CA VAL A 313 15.65 -6.20 -10.44
C VAL A 313 16.73 -7.07 -11.07
N THR A 314 16.91 -6.90 -12.36
CA THR A 314 17.97 -7.58 -13.09
C THR A 314 19.31 -6.84 -12.92
N LYS A 315 20.31 -7.54 -12.41
CA LYS A 315 21.62 -6.94 -12.18
C LYS A 315 22.58 -7.55 -13.19
N ARG A 316 23.25 -6.71 -13.98
CA ARG A 316 24.12 -7.26 -14.99
C ARG A 316 25.46 -7.65 -14.38
N GLU A 317 26.26 -8.40 -15.16
CA GLU A 317 27.53 -8.91 -14.64
C GLU A 317 28.45 -7.80 -14.14
N ASP A 318 28.45 -6.65 -14.83
CA ASP A 318 29.23 -5.47 -14.41
C ASP A 318 28.57 -4.67 -13.28
N GLY A 319 27.49 -5.19 -12.67
CA GLY A 319 26.84 -4.52 -11.57
C GLY A 319 25.84 -3.45 -11.95
N THR A 320 25.63 -3.19 -13.25
CA THR A 320 24.66 -2.17 -13.61
C THR A 320 23.26 -2.77 -13.58
N ILE A 321 22.25 -1.91 -13.53
CA ILE A 321 20.87 -2.33 -13.32
C ILE A 321 20.08 -2.15 -14.61
N ASP A 322 19.36 -3.20 -15.02
CA ASP A 322 18.39 -3.13 -16.11
C ASP A 322 16.99 -2.93 -15.52
N PHE A 323 16.57 -1.67 -15.39
CA PHE A 323 15.29 -1.36 -14.79
C PHE A 323 14.12 -1.73 -15.72
N ASP A 324 14.37 -1.88 -17.02
CA ASP A 324 13.27 -2.21 -17.94
C ASP A 324 12.89 -3.69 -17.93
N ASP A 325 13.68 -4.53 -17.27
CA ASP A 325 13.56 -5.98 -17.41
C ASP A 325 12.51 -6.51 -16.42
N GLY A 326 11.34 -6.88 -16.94
CA GLY A 326 10.34 -7.55 -16.13
C GLY A 326 10.30 -9.07 -16.21
N SER A 327 11.44 -9.72 -16.47
CA SER A 327 11.43 -11.15 -16.76
C SER A 327 11.25 -12.01 -15.51
N LYS A 328 11.79 -11.61 -14.36
CA LYS A 328 11.41 -12.25 -13.11
C LYS A 328 9.99 -11.81 -12.70
N THR A 329 9.75 -10.51 -12.67
CA THR A 329 8.43 -10.00 -12.26
C THR A 329 8.28 -8.60 -12.80
N GLU A 330 7.03 -8.15 -13.01
CA GLU A 330 6.87 -6.71 -13.19
C GLU A 330 6.81 -5.94 -11.87
N ASN A 331 6.75 -6.62 -10.73
CA ASN A 331 6.70 -5.96 -9.42
C ASN A 331 8.09 -5.71 -8.82
N THR A 332 9.08 -5.30 -9.64
CA THR A 332 10.40 -4.97 -9.07
C THR A 332 10.25 -3.72 -8.20
N ARG A 333 11.09 -3.65 -7.16
CA ARG A 333 10.87 -2.74 -6.06
C ARG A 333 12.19 -2.24 -5.51
N VAL A 334 12.17 -1.05 -4.93
CA VAL A 334 13.28 -0.58 -4.08
C VAL A 334 12.63 -0.04 -2.82
N SER A 335 13.17 -0.39 -1.65
CA SER A 335 12.81 0.26 -0.40
C SER A 335 13.99 1.10 0.11
N TYR A 336 13.66 2.21 0.77
CA TYR A 336 14.70 3.07 1.31
C TYR A 336 14.12 3.74 2.55
N PRO A 337 14.95 4.04 3.56
CA PRO A 337 14.45 4.88 4.65
C PRO A 337 14.01 6.25 4.12
N ILE A 338 13.07 6.89 4.81
CA ILE A 338 12.44 8.06 4.22
C ILE A 338 13.43 9.21 4.09
N TYR A 339 14.50 9.22 4.88
CA TYR A 339 15.43 10.35 4.76
C TYR A 339 16.31 10.26 3.49
N HIS A 340 16.19 9.20 2.66
CA HIS A 340 16.82 9.24 1.34
C HIS A 340 16.14 10.24 0.39
N ILE A 341 14.99 10.78 0.76
CA ILE A 341 14.30 11.86 0.05
C ILE A 341 14.72 13.16 0.75
N ASP A 342 15.12 14.16 -0.02
CA ASP A 342 15.69 15.34 0.64
C ASP A 342 14.63 16.22 1.29
N ASN A 343 13.47 16.32 0.70
CA ASN A 343 12.50 17.28 1.19
C ASN A 343 11.36 16.53 1.88
N ILE A 344 11.54 16.26 3.17
CA ILE A 344 10.56 15.53 3.96
C ILE A 344 10.21 16.31 5.21
N VAL A 345 9.10 15.94 5.84
CA VAL A 345 8.81 16.41 7.19
C VAL A 345 9.67 15.64 8.17
N LYS A 346 10.39 16.34 9.07
CA LYS A 346 11.24 15.69 10.05
C LYS A 346 11.35 16.56 11.31
N PRO A 347 11.68 15.95 12.49
CA PRO A 347 12.00 14.52 12.69
C PRO A 347 10.82 13.54 12.80
N VAL A 348 9.59 14.00 12.88
CA VAL A 348 8.43 13.13 13.01
C VAL A 348 7.57 13.31 11.76
N SER A 349 7.20 12.19 11.09
CA SER A 349 6.42 12.32 9.85
C SER A 349 4.93 12.52 10.14
N LYS A 350 4.56 13.78 10.34
CA LYS A 350 3.15 14.12 10.57
C LYS A 350 2.96 15.59 10.20
N ALA A 351 1.70 16.00 10.06
CA ALA A 351 1.36 17.39 9.70
C ALA A 351 -0.09 17.63 10.11
N GLY A 352 -0.66 18.76 9.72
CA GLY A 352 -2.01 19.07 10.13
C GLY A 352 -3.09 18.34 9.34
N HIS A 353 -4.28 18.93 9.34
CA HIS A 353 -5.44 18.32 8.70
C HIS A 353 -5.40 18.46 7.20
N ALA A 354 -5.76 17.38 6.50
CA ALA A 354 -5.80 17.38 5.05
C ALA A 354 -6.93 18.27 4.58
N THR A 355 -6.66 19.10 3.60
CA THR A 355 -7.73 19.83 2.96
C THR A 355 -7.97 19.42 1.53
N LYS A 356 -7.10 18.60 0.97
CA LYS A 356 -7.24 18.05 -0.38
C LYS A 356 -7.11 16.54 -0.26
N VAL A 357 -8.10 15.82 -0.76
CA VAL A 357 -8.11 14.37 -0.74
C VAL A 357 -8.22 13.93 -2.19
N ILE A 358 -7.26 13.18 -2.67
CA ILE A 358 -7.19 12.83 -4.09
C ILE A 358 -7.35 11.33 -4.15
N PHE A 359 -8.31 10.87 -4.98
CA PHE A 359 -8.49 9.44 -5.25
C PHE A 359 -7.82 9.16 -6.59
N LEU A 360 -6.68 8.44 -6.57
CA LEU A 360 -6.03 7.99 -7.79
C LEU A 360 -6.64 6.65 -8.26
N THR A 361 -6.92 6.58 -9.54
CA THR A 361 -7.41 5.36 -10.15
C THR A 361 -6.67 5.21 -11.49
N ALA A 362 -6.40 3.99 -11.87
CA ALA A 362 -5.80 3.76 -13.18
C ALA A 362 -6.90 3.04 -13.93
N ASP A 363 -7.58 3.75 -14.83
CA ASP A 363 -8.74 3.18 -15.50
C ASP A 363 -8.29 2.62 -16.85
N ALA A 364 -8.06 1.30 -16.93
CA ALA A 364 -7.75 0.71 -18.24
C ALA A 364 -8.94 0.64 -19.21
N PHE A 365 -10.16 0.97 -18.77
CA PHE A 365 -11.25 1.06 -19.75
C PHE A 365 -11.15 2.33 -20.58
N GLY A 366 -10.36 3.30 -20.16
CA GLY A 366 -10.22 4.52 -20.92
C GLY A 366 -11.44 5.43 -20.92
N VAL A 367 -12.21 5.43 -19.82
CA VAL A 367 -13.48 6.14 -19.72
C VAL A 367 -13.37 7.35 -18.79
N LEU A 368 -12.69 7.20 -17.63
CA LEU A 368 -12.71 8.27 -16.64
C LEU A 368 -11.86 9.46 -17.07
N PRO A 369 -12.26 10.67 -16.70
CA PRO A 369 -11.48 11.88 -16.99
C PRO A 369 -10.18 11.91 -16.19
N PRO A 370 -9.15 12.60 -16.70
CA PRO A 370 -7.92 12.78 -15.88
C PRO A 370 -8.21 13.41 -14.52
N VAL A 371 -9.13 14.38 -14.43
CA VAL A 371 -9.46 14.92 -13.12
C VAL A 371 -10.89 15.42 -13.06
N SER A 372 -11.49 15.23 -11.90
CA SER A 372 -12.84 15.70 -11.61
C SER A 372 -12.93 16.10 -10.14
N ARG A 373 -13.58 17.22 -9.84
CA ARG A 373 -13.92 17.53 -8.45
C ARG A 373 -15.23 16.83 -8.07
N LEU A 374 -15.21 16.09 -6.97
CA LEU A 374 -16.34 15.28 -6.54
C LEU A 374 -17.26 16.06 -5.59
N THR A 375 -18.57 15.80 -5.68
CA THR A 375 -19.48 16.24 -4.63
C THR A 375 -19.24 15.42 -3.36
N ALA A 376 -19.83 15.89 -2.26
CA ALA A 376 -19.75 15.11 -1.01
C ALA A 376 -20.26 13.66 -1.16
N ASP A 377 -21.42 13.47 -1.82
CA ASP A 377 -21.92 12.09 -1.92
C ASP A 377 -21.10 11.28 -2.92
N GLN A 378 -20.56 11.94 -3.94
CA GLN A 378 -19.69 11.22 -4.88
C GLN A 378 -18.43 10.76 -4.18
N THR A 379 -17.95 11.52 -3.17
CA THR A 379 -16.77 11.13 -2.42
C THR A 379 -17.00 9.79 -1.70
N GLN A 380 -18.10 9.69 -0.95
CA GLN A 380 -18.44 8.42 -0.32
C GLN A 380 -18.66 7.32 -1.35
N TYR A 381 -19.32 7.63 -2.46
CA TYR A 381 -19.61 6.59 -3.42
C TYR A 381 -18.30 6.02 -3.96
N HIS A 382 -17.39 6.90 -4.37
CA HIS A 382 -16.19 6.37 -5.04
C HIS A 382 -15.22 5.81 -4.02
N PHE A 383 -15.30 6.29 -2.79
CA PHE A 383 -14.46 5.73 -1.74
C PHE A 383 -14.85 4.28 -1.46
N LEU A 384 -16.15 4.00 -1.35
CA LEU A 384 -16.62 2.64 -1.14
C LEU A 384 -16.40 1.78 -2.39
N SER A 385 -16.51 2.36 -3.59
CA SER A 385 -16.32 1.56 -4.80
C SER A 385 -14.87 1.14 -4.95
N GLY A 386 -13.93 2.06 -4.78
CA GLY A 386 -12.51 1.73 -4.86
C GLY A 386 -12.12 1.14 -6.21
N PHE A 387 -12.41 1.83 -7.30
CA PHE A 387 -12.23 1.23 -8.62
C PHE A 387 -10.83 1.43 -9.21
N THR A 388 -10.30 0.37 -9.83
CA THR A 388 -9.14 0.45 -10.70
C THR A 388 -9.29 -0.67 -11.74
N ALA A 389 -8.58 -0.56 -12.86
CA ALA A 389 -8.58 -1.63 -13.83
C ALA A 389 -7.19 -1.80 -14.44
N LYS A 390 -6.88 -3.04 -14.85
CA LYS A 390 -5.59 -3.43 -15.37
C LYS A 390 -5.73 -3.93 -16.80
N LEU A 391 -4.69 -3.72 -17.60
CA LEU A 391 -4.53 -4.49 -18.84
C LEU A 391 -4.02 -5.88 -18.47
N ALA A 392 -4.86 -6.89 -18.60
CA ALA A 392 -4.53 -8.19 -18.04
C ALA A 392 -3.64 -9.01 -18.97
N GLY A 393 -4.05 -9.16 -20.24
CA GLY A 393 -3.37 -10.08 -21.12
C GLY A 393 -2.43 -9.43 -22.11
N THR A 394 -1.76 -8.35 -21.70
CA THR A 394 -0.75 -7.72 -22.55
C THR A 394 0.19 -8.79 -23.14
N GLU A 395 0.61 -9.77 -22.32
CA GLU A 395 1.62 -10.76 -22.72
C GLU A 395 1.12 -11.68 -23.81
N ARG A 396 -0.23 -11.77 -23.93
CA ARG A 396 -1.09 -12.60 -24.77
C ARG A 396 -1.44 -11.87 -26.04
N GLY A 397 -0.83 -10.72 -26.18
CA GLY A 397 -0.75 -10.20 -27.49
C GLY A 397 -1.64 -9.03 -27.33
N ILE A 398 -2.80 -9.11 -27.93
CA ILE A 398 -3.79 -8.12 -27.68
C ILE A 398 -4.53 -8.56 -26.43
N THR A 399 -5.03 -7.58 -25.70
CA THR A 399 -5.64 -7.75 -24.40
C THR A 399 -6.73 -6.72 -24.23
N GLU A 400 -7.59 -7.04 -23.27
CA GLU A 400 -8.79 -6.39 -22.76
C GLU A 400 -8.59 -6.02 -21.29
N PRO A 401 -9.51 -5.21 -20.70
CA PRO A 401 -9.30 -4.70 -19.32
C PRO A 401 -10.01 -5.47 -18.21
N THR A 402 -9.35 -5.64 -17.07
CA THR A 402 -9.92 -6.35 -15.95
C THR A 402 -10.18 -5.39 -14.79
N PRO A 403 -11.44 -5.23 -14.37
CA PRO A 403 -11.73 -4.30 -13.28
C PRO A 403 -11.45 -4.90 -11.92
N THR A 404 -11.06 -4.03 -10.99
CA THR A 404 -11.03 -4.36 -9.57
C THR A 404 -11.88 -3.33 -8.87
N PHE A 405 -12.77 -3.78 -7.99
CA PHE A 405 -13.37 -2.87 -7.01
C PHE A 405 -12.83 -3.26 -5.66
N SER A 406 -12.06 -2.37 -5.04
CA SER A 406 -11.50 -2.68 -3.74
C SER A 406 -11.89 -1.57 -2.76
N ALA A 407 -12.85 -1.86 -1.87
CA ALA A 407 -13.38 -0.83 -0.98
C ALA A 407 -12.27 -0.06 -0.29
N CYS A 408 -12.46 1.27 -0.19
CA CYS A 408 -11.57 2.21 0.50
C CYS A 408 -10.19 2.25 -0.15
N PHE A 409 -10.10 1.78 -1.39
CA PHE A 409 -8.85 1.72 -2.15
C PHE A 409 -7.84 0.82 -1.42
N GLY A 410 -8.34 -0.14 -0.65
CA GLY A 410 -7.43 -1.01 0.12
C GLY A 410 -8.10 -2.17 0.83
N ALA A 411 -9.04 -2.85 0.15
CA ALA A 411 -9.83 -3.87 0.81
C ALA A 411 -8.99 -5.05 1.27
N ALA A 412 -7.94 -5.39 0.51
CA ALA A 412 -7.01 -6.43 0.97
C ALA A 412 -6.44 -6.18 2.39
N PHE A 413 -6.46 -4.94 2.89
CA PHE A 413 -5.85 -4.65 4.18
C PHE A 413 -6.88 -4.26 5.21
N LEU A 414 -8.18 -4.24 4.86
CA LEU A 414 -9.16 -3.78 5.83
C LEU A 414 -9.46 -4.91 6.80
N SER A 415 -9.47 -4.57 8.07
CA SER A 415 -9.86 -5.51 9.11
C SER A 415 -11.29 -5.34 9.60
N LEU A 416 -11.87 -4.17 9.39
CA LEU A 416 -13.26 -3.84 9.70
C LEU A 416 -14.07 -3.68 8.42
N HIS A 417 -15.38 -3.43 8.57
CA HIS A 417 -16.19 -3.28 7.38
C HIS A 417 -15.86 -1.94 6.68
N PRO A 418 -15.92 -1.91 5.37
CA PRO A 418 -15.66 -0.64 4.64
C PRO A 418 -16.46 0.56 5.14
N THR A 419 -17.72 0.39 5.57
CA THR A 419 -18.44 1.58 6.03
C THR A 419 -17.85 2.18 7.28
N GLN A 420 -17.09 1.42 8.09
CA GLN A 420 -16.49 2.00 9.28
C GLN A 420 -15.34 2.93 8.91
N TYR A 421 -14.61 2.64 7.84
CA TYR A 421 -13.56 3.54 7.38
C TYR A 421 -14.14 4.78 6.72
N ALA A 422 -15.17 4.58 5.87
CA ALA A 422 -15.87 5.69 5.26
C ALA A 422 -16.37 6.67 6.31
N GLU A 423 -16.95 6.17 7.40
CA GLU A 423 -17.55 7.05 8.40
C GLU A 423 -16.50 7.90 9.10
N VAL A 424 -15.36 7.30 9.49
CA VAL A 424 -14.38 8.13 10.19
C VAL A 424 -13.68 9.07 9.22
N LEU A 425 -13.49 8.65 7.96
CA LEU A 425 -12.84 9.56 7.01
C LEU A 425 -13.72 10.77 6.74
N VAL A 426 -15.02 10.54 6.59
CA VAL A 426 -15.98 11.63 6.30
C VAL A 426 -16.02 12.61 7.45
N LYS A 427 -16.02 12.10 8.67
CA LYS A 427 -15.91 12.94 9.85
C LYS A 427 -14.68 13.84 9.82
N ARG A 428 -13.48 13.27 9.53
CA ARG A 428 -12.29 14.10 9.48
C ARG A 428 -12.35 15.09 8.35
N MET A 429 -12.84 14.68 7.16
CA MET A 429 -12.89 15.63 6.04
C MET A 429 -13.82 16.79 6.33
N GLN A 430 -14.97 16.49 6.92
CA GLN A 430 -15.97 17.53 7.20
C GLN A 430 -15.43 18.53 8.20
N ALA A 431 -14.70 18.05 9.22
CA ALA A 431 -14.20 18.97 10.22
C ALA A 431 -13.14 19.91 9.66
N ALA A 432 -12.37 19.48 8.64
CA ALA A 432 -11.29 20.25 8.05
C ALA A 432 -11.74 21.06 6.85
N GLY A 433 -12.99 20.92 6.44
CA GLY A 433 -13.46 21.50 5.19
C GLY A 433 -12.76 20.91 3.98
N ALA A 434 -12.40 19.64 4.03
CA ALA A 434 -11.62 19.04 2.93
C ALA A 434 -12.50 18.83 1.68
N GLN A 435 -11.87 18.80 0.51
CA GLN A 435 -12.54 18.52 -0.76
C GLN A 435 -11.84 17.34 -1.44
N ALA A 436 -12.59 16.54 -2.20
CA ALA A 436 -12.06 15.34 -2.82
C ALA A 436 -12.07 15.47 -4.35
N TYR A 437 -11.18 14.74 -4.99
CA TYR A 437 -10.98 14.80 -6.43
C TYR A 437 -10.69 13.38 -6.88
N LEU A 438 -11.17 13.03 -8.07
CA LEU A 438 -10.90 11.76 -8.68
C LEU A 438 -9.90 11.98 -9.82
N VAL A 439 -8.76 11.28 -9.80
CA VAL A 439 -7.68 11.48 -10.79
C VAL A 439 -7.40 10.14 -11.48
N ASN A 440 -7.60 10.10 -12.79
CA ASN A 440 -7.31 8.91 -13.59
C ASN A 440 -5.85 8.98 -14.01
N THR A 441 -4.97 8.18 -13.38
CA THR A 441 -3.59 8.09 -13.84
C THR A 441 -3.42 6.97 -14.85
N GLY A 442 -4.52 6.40 -15.31
CA GLY A 442 -4.45 5.28 -16.21
C GLY A 442 -4.62 5.71 -17.67
N TRP A 443 -5.49 5.04 -18.38
CA TRP A 443 -5.57 5.10 -19.83
C TRP A 443 -6.72 5.97 -20.31
N ASN A 444 -6.59 6.44 -21.55
CA ASN A 444 -7.70 7.11 -22.23
C ASN A 444 -7.80 6.47 -23.60
N GLY A 445 -8.46 7.18 -24.53
CA GLY A 445 -8.71 6.65 -25.88
C GLY A 445 -7.45 6.35 -26.66
N THR A 446 -6.31 6.87 -26.23
CA THR A 446 -5.09 6.56 -26.95
C THR A 446 -4.57 5.15 -26.69
N GLY A 447 -5.08 4.44 -25.68
CA GLY A 447 -4.48 3.15 -25.37
C GLY A 447 -3.11 3.26 -24.72
N LYS A 448 -2.69 4.45 -24.32
CA LYS A 448 -1.47 4.65 -23.55
C LYS A 448 -1.84 5.31 -22.24
N ARG A 449 -1.04 5.07 -21.19
CA ARG A 449 -1.27 5.79 -19.94
C ARG A 449 -0.95 7.25 -20.11
N ILE A 450 -1.69 8.10 -19.40
CA ILE A 450 -1.40 9.52 -19.36
C ILE A 450 0.02 9.72 -18.81
N SER A 451 0.70 10.76 -19.30
CA SER A 451 2.12 10.85 -18.95
C SER A 451 2.30 11.36 -17.52
N ILE A 452 3.43 10.99 -16.89
CA ILE A 452 3.73 11.51 -15.54
C ILE A 452 3.79 13.03 -15.54
N LYS A 453 4.41 13.64 -16.57
CA LYS A 453 4.38 15.11 -16.63
C LYS A 453 2.94 15.67 -16.60
N ASP A 454 2.00 15.14 -17.41
CA ASP A 454 0.64 15.72 -17.36
C ASP A 454 -0.06 15.41 -16.04
N THR A 455 0.16 14.21 -15.49
CA THR A 455 -0.40 13.94 -14.16
C THR A 455 0.14 14.89 -13.10
N ARG A 456 1.44 15.22 -13.14
CA ARG A 456 1.97 16.12 -12.13
C ARG A 456 1.37 17.52 -12.30
N ALA A 457 1.13 17.95 -13.54
CA ALA A 457 0.53 19.28 -13.71
C ALA A 457 -0.91 19.34 -13.21
N ILE A 458 -1.66 18.24 -13.38
CA ILE A 458 -3.00 18.15 -12.84
C ILE A 458 -2.99 18.23 -11.32
N ILE A 459 -2.08 17.48 -10.67
CA ILE A 459 -2.00 17.54 -9.21
C ILE A 459 -1.69 18.94 -8.74
N ASP A 460 -0.74 19.60 -9.40
CA ASP A 460 -0.41 20.98 -9.07
C ASP A 460 -1.64 21.90 -9.14
N ALA A 461 -2.47 21.73 -10.20
CA ALA A 461 -3.68 22.53 -10.37
C ALA A 461 -4.75 22.23 -9.34
N ILE A 462 -4.80 20.99 -8.83
CA ILE A 462 -5.61 20.71 -7.65
C ILE A 462 -5.09 21.45 -6.42
N LEU A 463 -3.77 21.42 -6.21
CA LEU A 463 -3.27 21.82 -4.90
C LEU A 463 -3.25 23.33 -4.78
N ASN A 464 -3.11 24.04 -5.90
CA ASN A 464 -3.02 25.50 -5.87
C ASN A 464 -4.36 26.18 -6.12
N GLY A 465 -5.44 25.42 -6.21
CA GLY A 465 -6.78 26.00 -6.34
C GLY A 465 -7.21 26.39 -7.73
N SER A 466 -6.33 26.25 -8.73
CA SER A 466 -6.69 26.40 -10.14
C SER A 466 -7.96 25.63 -10.48
N LEU A 467 -7.98 24.35 -10.13
CA LEU A 467 -9.11 23.51 -10.49
C LEU A 467 -10.39 24.01 -9.83
N ASP A 468 -10.32 24.38 -8.55
CA ASP A 468 -11.48 24.93 -7.84
C ASP A 468 -12.09 26.12 -8.55
N ASN A 469 -11.28 26.92 -9.22
CA ASN A 469 -11.75 28.16 -9.82
C ASN A 469 -12.00 28.05 -11.31
N ALA A 470 -11.86 26.86 -11.89
CA ALA A 470 -12.10 26.73 -13.32
C ALA A 470 -13.59 26.60 -13.64
N GLU A 471 -13.96 27.02 -14.85
CA GLU A 471 -15.26 26.66 -15.37
C GLU A 471 -15.27 25.15 -15.61
N THR A 472 -16.41 24.51 -15.32
CA THR A 472 -16.56 23.06 -15.46
C THR A 472 -17.88 22.72 -16.15
N PHE A 473 -17.94 21.53 -16.76
CA PHE A 473 -19.21 20.96 -17.18
C PHE A 473 -19.30 19.52 -16.71
N THR A 474 -20.50 18.96 -16.87
CA THR A 474 -20.80 17.63 -16.36
C THR A 474 -20.55 16.57 -17.42
N LEU A 475 -19.61 15.69 -17.17
CA LEU A 475 -19.45 14.52 -18.01
C LEU A 475 -20.65 13.59 -17.85
N PRO A 476 -21.29 13.14 -18.92
CA PRO A 476 -22.48 12.31 -18.75
C PRO A 476 -22.18 10.91 -18.26
N MET A 477 -23.24 10.26 -17.78
CA MET A 477 -23.24 8.91 -17.23
C MET A 477 -22.62 8.88 -15.85
N PHE A 478 -21.33 9.24 -15.72
CA PHE A 478 -20.72 9.29 -14.40
C PHE A 478 -21.06 10.57 -13.65
N ASN A 479 -21.55 11.59 -14.36
CA ASN A 479 -21.96 12.88 -13.79
C ASN A 479 -20.84 13.57 -13.01
N LEU A 480 -19.66 13.56 -13.60
CA LEU A 480 -18.45 14.11 -13.01
C LEU A 480 -18.22 15.52 -13.52
N ALA A 481 -17.98 16.44 -12.60
CA ALA A 481 -17.61 17.81 -12.97
C ALA A 481 -16.19 17.85 -13.48
N ILE A 482 -15.98 18.29 -14.73
CA ILE A 482 -14.63 18.36 -15.28
C ILE A 482 -14.31 19.76 -15.78
N PRO A 483 -13.03 20.20 -15.74
CA PRO A 483 -12.71 21.57 -16.16
C PRO A 483 -12.61 21.68 -17.66
N THR A 484 -12.93 22.88 -18.17
CA THR A 484 -12.75 23.15 -19.59
C THR A 484 -11.29 23.43 -19.93
N GLU A 485 -10.49 23.87 -18.97
CA GLU A 485 -9.07 24.12 -19.17
C GLU A 485 -8.40 24.26 -17.80
N LEU A 486 -7.08 24.05 -17.80
CA LEU A 486 -6.23 24.12 -16.61
C LEU A 486 -4.83 24.58 -16.98
N PRO A 487 -4.24 25.50 -16.21
CA PRO A 487 -2.82 25.87 -16.42
C PRO A 487 -1.90 24.65 -16.38
N GLY A 488 -1.19 24.43 -17.48
CA GLY A 488 -0.15 23.42 -17.52
C GLY A 488 -0.52 22.11 -18.15
N VAL A 489 -1.80 21.89 -18.46
CA VAL A 489 -2.29 20.62 -18.95
C VAL A 489 -2.72 20.82 -20.40
N ASP A 490 -2.47 19.83 -21.26
CA ASP A 490 -3.08 19.79 -22.58
C ASP A 490 -4.61 19.77 -22.47
N THR A 491 -5.25 20.76 -23.06
CA THR A 491 -6.69 20.90 -22.90
C THR A 491 -7.44 19.72 -23.44
N LYS A 492 -6.91 19.08 -24.50
CA LYS A 492 -7.63 18.01 -25.17
C LYS A 492 -7.92 16.84 -24.24
N ILE A 493 -7.00 16.53 -23.33
CA ILE A 493 -7.15 15.29 -22.57
C ILE A 493 -8.16 15.41 -21.45
N LEU A 494 -8.59 16.64 -21.12
CA LEU A 494 -9.44 16.82 -19.96
C LEU A 494 -10.82 16.23 -20.17
N ASP A 495 -11.32 16.23 -21.40
CA ASP A 495 -12.56 15.53 -21.71
C ASP A 495 -12.20 14.19 -22.31
N PRO A 496 -12.45 13.08 -21.62
CA PRO A 496 -12.04 11.76 -22.14
C PRO A 496 -12.66 11.40 -23.48
N ARG A 497 -13.74 12.06 -23.87
CA ARG A 497 -14.35 11.76 -25.17
C ARG A 497 -13.47 12.21 -26.33
N ASN A 498 -12.67 13.26 -26.14
CA ASN A 498 -11.78 13.79 -27.18
C ASN A 498 -10.71 12.83 -27.64
N THR A 499 -10.42 11.79 -26.86
CA THR A 499 -9.28 10.94 -27.13
C THR A 499 -9.69 9.71 -27.93
N TYR A 500 -10.94 9.65 -28.38
CA TYR A 500 -11.50 8.65 -29.29
C TYR A 500 -11.82 9.29 -30.64
N ALA A 501 -11.94 8.45 -31.66
CA ALA A 501 -12.26 8.90 -33.01
C ALA A 501 -13.60 9.59 -33.04
N SER A 502 -14.62 8.92 -32.53
CA SER A 502 -15.95 9.45 -32.35
C SER A 502 -16.31 9.29 -30.88
N PRO A 503 -17.09 10.22 -30.33
CA PRO A 503 -17.52 10.10 -28.92
C PRO A 503 -18.45 8.91 -28.66
N GLU A 504 -18.90 8.20 -29.70
CA GLU A 504 -19.69 7.00 -29.49
C GLU A 504 -18.83 5.80 -29.09
N GLN A 505 -17.54 5.80 -29.43
CA GLN A 505 -16.65 4.80 -28.87
C GLN A 505 -16.53 4.96 -27.36
N TRP A 506 -16.43 6.21 -26.90
CA TRP A 506 -16.37 6.40 -25.46
C TRP A 506 -17.66 5.95 -24.81
N GLN A 507 -18.78 6.29 -25.45
CA GLN A 507 -20.09 5.97 -24.90
C GLN A 507 -20.24 4.48 -24.68
N GLU A 508 -19.79 3.65 -25.62
CA GLU A 508 -19.96 2.23 -25.40
C GLU A 508 -19.15 1.72 -24.21
N LYS A 509 -17.93 2.24 -24.02
CA LYS A 509 -17.15 1.75 -22.87
C LYS A 509 -17.70 2.30 -21.59
N ALA A 510 -18.23 3.52 -21.64
CA ALA A 510 -18.74 4.13 -20.42
C ALA A 510 -19.94 3.38 -19.92
N GLU A 511 -20.76 2.85 -20.84
CA GLU A 511 -21.90 2.07 -20.43
C GLU A 511 -21.47 0.74 -19.84
N THR A 512 -20.51 0.05 -20.48
CA THR A 512 -19.97 -1.16 -19.87
C THR A 512 -19.45 -0.90 -18.47
N LEU A 513 -18.63 0.15 -18.32
CA LEU A 513 -18.06 0.46 -17.01
C LEU A 513 -19.15 0.87 -16.01
N ALA A 514 -20.10 1.70 -16.42
CA ALA A 514 -21.14 2.10 -15.46
C ALA A 514 -21.87 0.90 -14.87
N LYS A 515 -22.13 -0.12 -15.69
CA LYS A 515 -22.86 -1.28 -15.19
C LYS A 515 -22.03 -2.06 -14.19
N LEU A 516 -20.71 -2.09 -14.38
CA LEU A 516 -19.86 -2.76 -13.39
C LEU A 516 -19.89 -2.02 -12.06
N PHE A 517 -19.87 -0.69 -12.09
CA PHE A 517 -19.99 0.08 -10.86
C PHE A 517 -21.33 -0.19 -10.17
N ILE A 518 -22.42 -0.14 -10.94
CA ILE A 518 -23.76 -0.31 -10.34
C ILE A 518 -23.89 -1.68 -9.69
N ASP A 519 -23.44 -2.71 -10.37
CA ASP A 519 -23.48 -4.05 -9.80
C ASP A 519 -22.65 -4.14 -8.54
N ASN A 520 -21.49 -3.47 -8.55
CA ASN A 520 -20.58 -3.57 -7.41
C ASN A 520 -21.20 -2.89 -6.21
N PHE A 521 -21.81 -1.73 -6.41
CA PHE A 521 -22.31 -0.96 -5.28
C PHE A 521 -23.52 -1.60 -4.62
N ASP A 522 -24.14 -2.56 -5.28
CA ASP A 522 -25.43 -3.08 -4.78
C ASP A 522 -25.30 -3.55 -3.34
N LYS A 523 -24.12 -4.07 -2.95
CA LYS A 523 -23.96 -4.57 -1.61
C LYS A 523 -23.97 -3.49 -0.52
N TYR A 524 -23.84 -2.22 -0.87
CA TYR A 524 -23.91 -1.18 0.16
C TYR A 524 -25.32 -0.63 0.36
N THR A 525 -26.30 -1.11 -0.39
CA THR A 525 -27.60 -0.44 -0.44
C THR A 525 -28.63 -1.07 0.48
N ASP A 526 -28.17 -1.85 1.46
CA ASP A 526 -29.09 -2.46 2.42
C ASP A 526 -29.26 -1.61 3.65
N THR A 527 -28.62 -0.45 3.70
CA THR A 527 -28.89 0.57 4.69
C THR A 527 -29.48 1.79 4.00
N PRO A 528 -30.19 2.64 4.73
CA PRO A 528 -30.69 3.87 4.11
C PRO A 528 -29.62 4.78 3.52
N ALA A 529 -28.51 5.03 4.25
CA ALA A 529 -27.49 5.94 3.73
C ALA A 529 -26.93 5.43 2.40
N GLY A 530 -26.72 4.11 2.31
CA GLY A 530 -26.09 3.54 1.12
C GLY A 530 -27.03 3.57 -0.07
N ALA A 531 -28.31 3.31 0.16
CA ALA A 531 -29.27 3.43 -0.93
C ALA A 531 -29.33 4.85 -1.45
N ALA A 532 -29.22 5.83 -0.57
CA ALA A 532 -29.23 7.22 -1.01
C ALA A 532 -27.98 7.59 -1.83
N LEU A 533 -26.88 6.84 -1.69
CA LEU A 533 -25.65 7.14 -2.44
C LEU A 533 -25.70 6.65 -3.88
N VAL A 534 -26.57 5.69 -4.20
CA VAL A 534 -26.77 5.24 -5.58
C VAL A 534 -26.96 6.43 -6.53
N ALA A 535 -27.63 7.49 -6.06
CA ALA A 535 -27.88 8.65 -6.91
C ALA A 535 -26.59 9.43 -7.25
N ALA A 536 -25.52 9.20 -6.50
CA ALA A 536 -24.23 9.83 -6.77
C ALA A 536 -23.38 9.02 -7.74
N GLY A 537 -23.81 7.80 -8.01
CA GLY A 537 -23.03 6.90 -8.83
C GLY A 537 -23.38 7.03 -10.28
N PRO A 538 -22.76 6.23 -11.14
CA PRO A 538 -23.05 6.35 -12.56
C PRO A 538 -24.49 5.95 -12.82
N LYS A 539 -25.05 6.46 -13.90
CA LYS A 539 -26.46 6.20 -14.19
C LYS A 539 -26.60 5.85 -15.66
N LEU A 540 -27.13 4.65 -15.92
CA LEU A 540 -27.47 4.29 -17.30
C LEU A 540 -28.67 5.11 -17.86
PG ATP B . 2.30 0.39 -4.61
O1G ATP B . 2.07 -0.84 -5.41
O2G ATP B . 1.56 0.46 -3.29
O3G ATP B . 3.73 0.79 -4.37
PB ATP B . 1.86 3.09 -5.61
O1B ATP B . 0.46 3.67 -5.95
O2B ATP B . 2.66 3.75 -4.57
O3B ATP B . 1.57 1.57 -5.41
PA ATP B . 4.07 3.68 -7.25
O1A ATP B . 5.15 3.04 -6.38
O2A ATP B . 3.84 5.15 -7.33
O3A ATP B . 2.67 2.93 -6.98
O5' ATP B . 4.29 3.25 -8.74
C5' ATP B . 3.39 3.78 -9.74
C4' ATP B . 3.91 3.22 -11.08
O4' ATP B . 3.13 3.72 -12.18
C3' ATP B . 5.35 3.60 -11.39
O3' ATP B . 5.95 2.49 -12.11
C2' ATP B . 5.16 4.82 -12.29
O2' ATP B . 6.29 5.21 -13.08
C1' ATP B . 4.02 4.33 -13.14
N9 ATP B . 3.27 5.38 -13.82
C8 ATP B . 3.06 5.44 -15.14
N7 ATP B . 2.33 6.50 -15.50
C5 ATP B . 2.03 7.16 -14.36
C6 ATP B . 1.28 8.36 -14.00
N6 ATP B . 0.65 9.11 -14.96
N1 ATP B . 1.21 8.70 -12.70
C2 ATP B . 1.80 7.97 -11.73
N3 ATP B . 2.50 6.83 -11.99
C4 ATP B . 2.66 6.40 -13.25
MG MG C . 4.85 2.72 -4.03
CA CA D . 0.31 -0.77 -2.69
#